data_2D5G
#
_entry.id   2D5G
#
_cell.length_a   125.550
_cell.length_b   125.550
_cell.length_c   115.430
_cell.angle_alpha   90.00
_cell.angle_beta   90.00
_cell.angle_gamma   120.00
#
_symmetry.space_group_name_H-M   'H 3'
#
loop_
_entity.id
_entity.type
_entity.pdbx_description
1 polymer Axin-1
2 non-polymer 'MERCURY (II) ION'
#
_entity_poly.entity_id   1
_entity_poly.type   'polypeptide(L)'
_entity_poly.pdbx_seq_one_letter_code
;PPCDSIVVAYYFCGEPIPYETLVRGRAVTLGQFKELLTKKGSYRYYFKKVSDEFDCGVVFEEVREDEAILPVFEEKIIGK
VEKVD
;
_entity_poly.pdbx_strand_id   A,B,C,D,E,F
#
# COMPACT_ATOMS: atom_id res chain seq x y z
N CYS A 3 -23.93 36.62 -11.11
CA CYS A 3 -22.57 37.19 -11.24
C CYS A 3 -21.71 36.76 -10.04
N ASP A 4 -22.01 35.57 -9.51
CA ASP A 4 -21.26 34.97 -8.41
C ASP A 4 -21.22 33.44 -8.64
N SER A 5 -20.09 32.79 -8.41
CA SER A 5 -19.89 31.47 -9.01
C SER A 5 -19.02 30.45 -8.26
N ILE A 6 -19.26 29.17 -8.56
CA ILE A 6 -18.43 28.05 -8.11
C ILE A 6 -17.88 27.32 -9.33
N VAL A 7 -16.70 26.73 -9.20
CA VAL A 7 -16.09 25.99 -10.31
C VAL A 7 -16.46 24.51 -10.24
N VAL A 8 -17.14 23.99 -11.27
CA VAL A 8 -17.56 22.59 -11.29
C VAL A 8 -16.69 21.81 -12.23
N ALA A 9 -16.18 20.68 -11.76
CA ALA A 9 -15.38 19.77 -12.59
C ALA A 9 -15.68 18.32 -12.34
N TYR A 10 -15.79 17.54 -13.40
CA TYR A 10 -16.15 16.15 -13.23
C TYR A 10 -15.27 15.26 -14.06
N TYR A 11 -14.99 14.06 -13.55
CA TYR A 11 -14.37 12.98 -14.34
C TYR A 11 -15.46 12.07 -14.95
N PHE A 12 -15.51 12.01 -16.27
CA PHE A 12 -16.63 11.40 -16.95
C PHE A 12 -16.30 9.97 -17.39
N CYS A 13 -17.18 9.01 -17.11
CA CYS A 13 -17.02 7.61 -17.48
C CYS A 13 -15.61 7.09 -17.80
N GLY A 14 -14.63 7.45 -16.97
CA GLY A 14 -13.31 6.84 -17.15
C GLY A 14 -12.19 7.78 -17.59
N GLU A 15 -12.39 8.42 -18.74
CA GLU A 15 -11.61 9.60 -19.16
C GLU A 15 -10.81 10.18 -18.00
N PRO A 16 -9.50 10.31 -18.16
CA PRO A 16 -8.73 10.85 -17.05
C PRO A 16 -8.53 12.34 -17.13
N ILE A 17 -8.72 12.96 -18.30
CA ILE A 17 -8.74 14.40 -18.26
C ILE A 17 -10.16 14.80 -17.98
N PRO A 18 -10.36 15.57 -16.90
CA PRO A 18 -11.68 16.02 -16.51
C PRO A 18 -12.18 17.23 -17.26
N TYR A 19 -13.46 17.54 -17.04
CA TYR A 19 -14.09 18.67 -17.69
C TYR A 19 -14.40 19.65 -16.58
N GLU A 20 -14.01 20.92 -16.80
CA GLU A 20 -14.23 21.99 -15.83
C GLU A 20 -14.96 23.08 -16.51
N THR A 21 -15.73 23.82 -15.73
CA THR A 21 -16.56 24.93 -16.22
C THR A 21 -17.15 25.72 -15.06
N LEU A 22 -17.39 27.00 -15.31
CA LEU A 22 -17.93 27.90 -14.29
C LEU A 22 -19.46 27.80 -14.23
N VAL A 23 -19.99 27.81 -13.02
CA VAL A 23 -21.45 27.72 -12.80
C VAL A 23 -21.96 28.76 -11.79
N ARG A 24 -23.14 29.31 -12.08
CA ARG A 24 -23.64 30.49 -11.38
C ARG A 24 -24.43 30.23 -10.08
N GLY A 25 -23.89 30.61 -8.91
CA GLY A 25 -24.77 31.01 -7.82
C GLY A 25 -24.64 30.45 -6.43
N ARG A 26 -23.42 30.42 -5.88
CA ARG A 26 -23.22 30.17 -4.44
C ARG A 26 -23.49 28.73 -4.02
N ALA A 27 -24.39 28.08 -4.75
CA ALA A 27 -24.70 26.67 -4.55
C ALA A 27 -24.84 25.96 -5.87
N VAL A 28 -24.51 24.67 -5.91
CA VAL A 28 -25.00 23.90 -7.01
C VAL A 28 -25.65 22.61 -6.59
N THR A 29 -26.75 22.29 -7.28
CA THR A 29 -27.45 21.04 -7.00
C THR A 29 -27.15 20.00 -8.08
N LEU A 30 -27.33 18.73 -7.74
CA LEU A 30 -27.15 17.62 -8.63
C LEU A 30 -27.92 17.82 -9.94
N GLY A 31 -29.09 18.44 -9.85
CA GLY A 31 -29.88 18.69 -11.04
C GLY A 31 -29.22 19.72 -11.92
N GLN A 32 -28.71 20.79 -11.31
CA GLN A 32 -27.94 21.78 -12.04
C GLN A 32 -26.75 21.07 -12.67
N PHE A 33 -26.09 20.19 -11.90
CA PHE A 33 -24.91 19.51 -12.38
C PHE A 33 -25.30 18.63 -13.55
N LYS A 34 -26.32 17.80 -13.38
CA LYS A 34 -26.75 16.87 -14.42
C LYS A 34 -26.97 17.61 -15.73
N GLU A 35 -27.40 18.87 -15.64
CA GLU A 35 -27.64 19.67 -16.84
C GLU A 35 -26.34 19.94 -17.67
N LEU A 36 -25.18 19.69 -17.08
CA LEU A 36 -23.93 19.96 -17.75
C LEU A 36 -23.56 18.78 -18.57
N LEU A 37 -24.02 17.61 -18.18
CA LEU A 37 -23.58 16.37 -18.85
C LEU A 37 -24.05 16.38 -20.28
N THR A 38 -23.21 15.87 -21.19
CA THR A 38 -23.48 15.98 -22.63
C THR A 38 -24.22 14.78 -23.16
N LYS A 39 -24.04 13.64 -22.51
CA LYS A 39 -24.60 12.40 -22.99
C LYS A 39 -25.76 11.90 -22.10
N LYS A 40 -26.74 11.24 -22.72
CA LYS A 40 -27.89 10.74 -21.95
C LYS A 40 -27.67 9.32 -21.43
N GLY A 41 -28.48 8.93 -20.45
CA GLY A 41 -28.38 7.59 -19.93
C GLY A 41 -28.43 7.48 -18.43
N SER A 42 -28.08 6.31 -17.91
CA SER A 42 -28.06 6.09 -16.49
C SER A 42 -26.64 6.09 -15.89
N TYR A 43 -26.43 6.99 -14.94
CA TYR A 43 -25.15 7.14 -14.32
C TYR A 43 -25.32 7.13 -12.79
N ARG A 44 -24.23 6.94 -12.06
CA ARG A 44 -24.20 7.31 -10.65
C ARG A 44 -23.27 8.49 -10.47
N TYR A 45 -23.57 9.32 -9.48
CA TYR A 45 -22.87 10.58 -9.35
C TYR A 45 -22.16 10.71 -7.99
N TYR A 46 -20.84 10.79 -8.03
CA TYR A 46 -20.10 10.98 -6.82
C TYR A 46 -19.37 12.31 -6.78
N PHE A 47 -19.26 12.91 -5.60
CA PHE A 47 -18.60 14.20 -5.47
C PHE A 47 -17.60 14.23 -4.30
N LYS A 48 -16.42 14.78 -4.53
CA LYS A 48 -15.37 14.83 -3.52
C LYS A 48 -15.90 15.64 -2.36
N LYS A 49 -15.56 15.24 -1.16
CA LYS A 49 -16.12 15.84 0.05
C LYS A 49 -15.23 15.43 1.21
N VAL A 50 -14.97 16.40 2.09
CA VAL A 50 -14.14 16.14 3.25
C VAL A 50 -14.99 15.54 4.34
N SER A 51 -14.40 14.61 5.08
CA SER A 51 -15.14 13.76 5.99
C SER A 51 -14.17 13.19 7.00
N ASP A 52 -14.39 13.53 8.28
CA ASP A 52 -13.45 13.25 9.37
C ASP A 52 -13.36 11.77 9.77
N GLU A 53 -14.36 10.97 9.37
CA GLU A 53 -14.46 9.58 9.81
C GLU A 53 -13.85 8.58 8.83
N PHE A 54 -12.98 9.08 7.95
CA PHE A 54 -12.24 8.24 7.00
C PHE A 54 -10.76 8.60 6.96
N ASP A 55 -9.91 7.57 6.91
CA ASP A 55 -8.53 7.62 7.38
C ASP A 55 -7.56 8.55 6.64
N CYS A 56 -7.96 9.04 5.46
CA CYS A 56 -7.16 10.02 4.74
C CYS A 56 -8.01 11.20 4.25
N GLY A 57 -9.05 11.55 5.01
CA GLY A 57 -9.76 12.80 4.78
C GLY A 57 -11.00 12.78 3.87
N VAL A 58 -10.81 12.48 2.59
CA VAL A 58 -11.86 12.65 1.61
C VAL A 58 -12.71 11.40 1.52
N VAL A 59 -13.95 11.55 1.06
CA VAL A 59 -14.64 10.48 0.33
C VAL A 59 -15.43 11.04 -0.86
N PHE A 60 -15.72 10.22 -1.86
CA PHE A 60 -16.66 10.63 -2.92
C PHE A 60 -18.01 10.24 -2.44
N GLU A 61 -18.85 11.25 -2.21
CA GLU A 61 -20.23 11.03 -1.79
C GLU A 61 -21.12 10.88 -3.00
N GLU A 62 -21.97 9.86 -2.95
CA GLU A 62 -22.96 9.67 -4.00
C GLU A 62 -24.13 10.61 -3.77
N VAL A 63 -24.63 11.19 -4.85
CA VAL A 63 -25.81 12.04 -4.78
C VAL A 63 -26.85 11.56 -5.80
N ARG A 64 -28.09 11.43 -5.37
CA ARG A 64 -29.09 10.85 -6.22
C ARG A 64 -30.19 11.84 -6.56
N GLU A 65 -30.50 12.75 -5.65
CA GLU A 65 -31.66 13.61 -5.83
C GLU A 65 -31.30 14.94 -6.47
N ASP A 66 -32.08 15.40 -7.44
CA ASP A 66 -31.71 16.55 -8.27
C ASP A 66 -31.73 17.81 -7.39
N GLU A 67 -32.52 17.74 -6.32
CA GLU A 67 -32.76 18.91 -5.48
C GLU A 67 -31.69 19.15 -4.45
N ALA A 68 -30.71 18.24 -4.40
CA ALA A 68 -29.61 18.25 -3.40
C ALA A 68 -28.56 19.29 -3.62
N ILE A 69 -27.91 19.67 -2.55
CA ILE A 69 -26.82 20.57 -2.74
C ILE A 69 -25.59 19.75 -2.78
N LEU A 70 -24.77 20.01 -3.78
CA LEU A 70 -23.53 19.25 -3.95
C LEU A 70 -22.43 19.73 -3.00
N PRO A 71 -21.69 18.80 -2.41
CA PRO A 71 -20.61 19.13 -1.48
C PRO A 71 -19.52 19.96 -2.14
N VAL A 72 -18.85 20.79 -1.37
CA VAL A 72 -17.71 21.51 -1.93
C VAL A 72 -16.38 21.10 -1.31
N PHE A 73 -15.36 21.06 -2.15
CA PHE A 73 -14.05 20.58 -1.74
C PHE A 73 -12.99 21.54 -2.30
N GLU A 74 -12.23 22.14 -1.39
CA GLU A 74 -11.22 23.12 -1.76
C GLU A 74 -11.82 24.16 -2.71
N GLU A 75 -13.02 24.62 -2.36
CA GLU A 75 -13.66 25.74 -3.03
C GLU A 75 -14.18 25.40 -4.43
N LYS A 76 -13.89 24.18 -4.89
CA LYS A 76 -14.45 23.67 -6.14
C LYS A 76 -15.56 22.63 -5.91
N ILE A 77 -16.23 22.25 -6.99
CA ILE A 77 -17.03 21.03 -7.02
C ILE A 77 -16.39 19.97 -7.90
N ILE A 78 -16.14 18.81 -7.33
CA ILE A 78 -15.41 17.81 -8.08
C ILE A 78 -16.19 16.49 -8.11
N GLY A 79 -16.59 16.09 -9.32
CA GLY A 79 -17.40 14.90 -9.44
C GLY A 79 -16.80 13.80 -10.31
N LYS A 80 -17.11 12.55 -9.96
CA LYS A 80 -16.95 11.46 -10.87
C LYS A 80 -18.33 11.02 -11.36
N VAL A 81 -18.50 10.97 -12.67
CA VAL A 81 -19.71 10.46 -13.25
C VAL A 81 -19.46 9.07 -13.79
N GLU A 82 -20.23 8.07 -13.33
CA GLU A 82 -20.00 6.70 -13.76
C GLU A 82 -21.22 6.05 -14.37
N LYS A 83 -21.04 5.33 -15.47
CA LYS A 83 -22.15 4.71 -16.17
C LYS A 83 -22.51 3.38 -15.54
N VAL A 84 -23.79 3.14 -15.37
CA VAL A 84 -24.22 1.84 -14.91
C VAL A 84 -24.05 0.89 -16.08
N ASP A 85 -23.07 -0.01 -15.99
CA ASP A 85 -22.87 -0.96 -17.06
C ASP A 85 -24.02 -1.94 -17.04
N PRO B 1 6.40 27.68 -42.16
CA PRO B 1 6.37 27.57 -40.70
C PRO B 1 5.58 28.65 -39.93
N PRO B 2 5.02 29.67 -40.62
CA PRO B 2 4.22 30.83 -40.17
C PRO B 2 4.07 31.26 -38.74
N CYS B 3 4.37 32.54 -38.50
CA CYS B 3 4.14 33.20 -37.24
C CYS B 3 2.93 34.10 -37.45
N ASP B 4 2.11 34.23 -36.42
CA ASP B 4 0.74 34.80 -36.54
C ASP B 4 -0.22 33.75 -37.08
N SER B 5 -0.52 32.78 -36.22
CA SER B 5 -1.17 31.56 -36.59
C SER B 5 -0.91 30.55 -35.47
N ILE B 6 -1.97 29.96 -34.94
CA ILE B 6 -1.83 28.81 -34.10
C ILE B 6 -2.27 27.66 -34.94
N VAL B 7 -2.05 26.46 -34.39
CA VAL B 7 -2.52 25.20 -34.93
C VAL B 7 -3.71 24.79 -34.07
N VAL B 8 -4.89 24.71 -34.69
CA VAL B 8 -6.08 24.23 -34.02
C VAL B 8 -6.41 22.77 -34.35
N ALA B 9 -6.67 21.96 -33.33
CA ALA B 9 -7.09 20.59 -33.55
C ALA B 9 -8.19 20.22 -32.56
N TYR B 10 -9.20 19.51 -33.03
CA TYR B 10 -10.29 19.11 -32.17
C TYR B 10 -10.64 17.66 -32.37
N TYR B 11 -11.10 17.02 -31.30
CA TYR B 11 -11.66 15.67 -31.43
C TYR B 11 -13.18 15.80 -31.57
N PHE B 12 -13.75 15.26 -32.62
CA PHE B 12 -15.10 15.61 -32.97
C PHE B 12 -16.08 14.53 -32.57
N CYS B 13 -17.15 14.94 -31.88
CA CYS B 13 -18.35 14.13 -31.65
C CYS B 13 -17.95 12.76 -31.13
N GLY B 14 -16.66 12.57 -30.87
CA GLY B 14 -16.19 11.39 -30.18
C GLY B 14 -15.33 10.47 -31.01
N GLU B 15 -15.05 10.88 -32.24
CA GLU B 15 -14.22 10.07 -33.13
C GLU B 15 -12.82 10.08 -32.59
N PRO B 16 -12.07 9.00 -32.83
CA PRO B 16 -10.69 8.86 -32.35
C PRO B 16 -9.65 9.73 -33.01
N ILE B 17 -9.56 9.70 -34.33
CA ILE B 17 -8.56 10.54 -34.99
C ILE B 17 -9.08 11.97 -35.05
N PRO B 18 -8.28 12.93 -34.59
CA PRO B 18 -8.67 14.34 -34.59
C PRO B 18 -8.47 15.06 -35.91
N TYR B 19 -9.03 16.26 -36.01
CA TYR B 19 -8.86 17.10 -37.18
C TYR B 19 -7.99 18.30 -36.82
N GLU B 20 -6.94 18.51 -37.62
CA GLU B 20 -5.97 19.57 -37.35
C GLU B 20 -5.89 20.45 -38.58
N THR B 21 -5.63 21.74 -38.36
CA THR B 21 -5.62 22.75 -39.42
C THR B 21 -5.02 24.04 -38.90
N LEU B 22 -4.33 24.75 -39.79
CA LEU B 22 -3.73 26.00 -39.41
C LEU B 22 -4.74 27.11 -39.43
N VAL B 23 -4.62 28.05 -38.49
CA VAL B 23 -5.55 29.15 -38.37
C VAL B 23 -4.80 30.43 -38.25
N ARG B 24 -4.98 31.27 -39.26
CA ARG B 24 -4.54 32.64 -39.25
C ARG B 24 -4.98 33.35 -38.00
N GLY B 25 -4.03 33.89 -37.25
CA GLY B 25 -4.38 34.89 -36.26
C GLY B 25 -3.82 34.77 -34.86
N ARG B 26 -3.14 33.67 -34.56
CA ARG B 26 -2.43 33.54 -33.28
C ARG B 26 -3.36 33.59 -32.05
N ALA B 27 -4.50 34.28 -32.18
CA ALA B 27 -5.45 34.41 -31.08
C ALA B 27 -6.81 33.96 -31.59
N VAL B 28 -7.25 32.78 -31.18
CA VAL B 28 -8.49 32.25 -31.72
C VAL B 28 -9.61 32.27 -30.71
N THR B 29 -10.79 32.68 -31.18
CA THR B 29 -11.98 32.67 -30.37
C THR B 29 -12.86 31.47 -30.71
N LEU B 30 -13.75 31.14 -29.79
CA LEU B 30 -14.66 30.03 -30.01
C LEU B 30 -15.41 30.23 -31.32
N GLY B 31 -15.73 31.49 -31.62
CA GLY B 31 -16.49 31.82 -32.82
C GLY B 31 -15.71 31.51 -34.06
N GLN B 32 -14.42 31.84 -34.03
CA GLN B 32 -13.53 31.46 -35.09
C GLN B 32 -13.43 29.93 -35.16
N PHE B 33 -13.41 29.30 -34.00
CA PHE B 33 -13.32 27.85 -33.96
C PHE B 33 -14.57 27.24 -34.56
N LYS B 34 -15.73 27.68 -34.10
CA LYS B 34 -16.99 27.10 -34.54
C LYS B 34 -17.02 27.10 -36.05
N GLU B 35 -16.43 28.14 -36.64
CA GLU B 35 -16.45 28.30 -38.11
C GLU B 35 -15.73 27.16 -38.82
N LEU B 36 -14.96 26.37 -38.08
CA LEU B 36 -14.23 25.26 -38.67
C LEU B 36 -15.15 24.07 -38.77
N LEU B 37 -16.14 24.00 -37.89
CA LEU B 37 -16.91 22.76 -37.74
C LEU B 37 -17.76 22.55 -38.97
N THR B 38 -17.89 21.30 -39.38
CA THR B 38 -18.44 20.95 -40.70
C THR B 38 -19.95 20.73 -40.64
N LYS B 39 -20.41 20.25 -39.51
CA LYS B 39 -21.79 19.83 -39.33
C LYS B 39 -22.53 20.76 -38.39
N LYS B 40 -23.83 20.93 -38.64
CA LYS B 40 -24.63 21.89 -37.87
C LYS B 40 -25.25 21.22 -36.67
N GLY B 41 -25.68 22.01 -35.69
CA GLY B 41 -26.32 21.44 -34.52
C GLY B 41 -25.80 22.00 -33.22
N SER B 42 -26.26 21.40 -32.11
CA SER B 42 -25.87 21.87 -30.79
C SER B 42 -24.77 20.99 -30.16
N TYR B 43 -23.68 21.65 -29.82
CA TYR B 43 -22.55 20.97 -29.21
C TYR B 43 -22.13 21.68 -27.90
N ARG B 44 -21.38 20.99 -27.06
CA ARG B 44 -20.59 21.67 -26.04
C ARG B 44 -19.11 21.60 -26.36
N TYR B 45 -18.40 22.68 -26.07
CA TYR B 45 -17.06 22.82 -26.59
C TYR B 45 -16.11 22.85 -25.44
N TYR B 46 -15.13 21.96 -25.49
CA TYR B 46 -14.12 21.99 -24.45
C TYR B 46 -12.72 22.11 -25.05
N PHE B 47 -11.81 22.78 -24.33
CA PHE B 47 -10.46 23.00 -24.83
C PHE B 47 -9.37 22.76 -23.77
N LYS B 48 -8.38 21.96 -24.14
CA LYS B 48 -7.30 21.56 -23.22
C LYS B 48 -6.63 22.79 -22.63
N LYS B 49 -6.01 22.61 -21.47
CA LYS B 49 -5.47 23.73 -20.68
C LYS B 49 -4.84 23.23 -19.41
N VAL B 50 -4.00 24.06 -18.80
CA VAL B 50 -3.26 23.68 -17.59
C VAL B 50 -3.85 24.29 -16.34
N SER B 51 -3.83 23.54 -15.24
CA SER B 51 -4.44 23.99 -14.01
C SER B 51 -3.52 23.94 -12.79
N ASP B 52 -3.47 25.07 -12.09
CA ASP B 52 -2.71 25.22 -10.85
C ASP B 52 -3.59 24.92 -9.62
N GLU B 53 -4.84 24.56 -9.89
CA GLU B 53 -5.78 24.18 -8.84
C GLU B 53 -6.16 22.69 -8.97
N PHE B 54 -5.55 22.00 -9.94
CA PHE B 54 -5.98 20.64 -10.31
C PHE B 54 -4.88 19.60 -10.34
N ASP B 55 -5.29 18.36 -10.61
CA ASP B 55 -4.43 17.18 -10.52
C ASP B 55 -3.88 16.80 -11.89
N CYS B 56 -2.90 15.88 -11.90
CA CYS B 56 -2.34 15.29 -13.12
C CYS B 56 -2.27 16.22 -14.36
N GLY B 57 -2.26 17.53 -14.14
CA GLY B 57 -1.83 18.47 -15.18
C GLY B 57 -2.88 19.30 -15.93
N VAL B 58 -3.57 18.66 -16.87
CA VAL B 58 -4.41 19.36 -17.81
C VAL B 58 -5.84 19.37 -17.30
N VAL B 59 -6.68 20.22 -17.88
CA VAL B 59 -8.13 20.03 -17.91
C VAL B 59 -8.72 20.39 -19.28
N PHE B 60 -9.98 20.03 -19.50
CA PHE B 60 -10.72 20.57 -20.62
C PHE B 60 -11.71 21.61 -20.15
N GLU B 61 -11.42 22.87 -20.44
CA GLU B 61 -12.29 23.99 -20.11
C GLU B 61 -13.39 24.15 -21.15
N GLU B 62 -14.64 24.27 -20.70
CA GLU B 62 -15.74 24.47 -21.62
C GLU B 62 -15.76 25.94 -21.99
N VAL B 63 -16.06 26.23 -23.25
CA VAL B 63 -16.17 27.62 -23.68
C VAL B 63 -17.56 27.78 -24.30
N ARG B 64 -18.33 28.72 -23.79
CA ARG B 64 -19.70 28.85 -24.24
C ARG B 64 -19.78 29.99 -25.21
N GLU B 65 -19.36 31.18 -24.77
CA GLU B 65 -19.70 32.41 -25.51
C GLU B 65 -18.71 32.73 -26.62
N ASP B 66 -19.24 33.15 -27.78
CA ASP B 66 -18.48 33.25 -29.03
C ASP B 66 -17.23 34.12 -28.97
N GLU B 67 -17.37 35.35 -28.47
CA GLU B 67 -16.28 36.32 -28.51
C GLU B 67 -15.13 36.01 -27.53
N ALA B 68 -15.09 34.77 -27.05
CA ALA B 68 -14.15 34.34 -26.03
C ALA B 68 -12.87 33.75 -26.62
N ILE B 69 -11.75 34.01 -25.94
CA ILE B 69 -10.46 33.58 -26.46
C ILE B 69 -10.18 32.17 -25.98
N LEU B 70 -9.84 31.28 -26.91
CA LEU B 70 -9.61 29.90 -26.51
C LEU B 70 -8.27 29.71 -25.84
N PRO B 71 -8.22 28.86 -24.80
CA PRO B 71 -6.95 28.62 -24.10
C PRO B 71 -5.95 27.98 -25.04
N VAL B 72 -4.66 28.12 -24.73
CA VAL B 72 -3.62 27.44 -25.52
C VAL B 72 -2.93 26.41 -24.68
N PHE B 73 -2.53 25.32 -25.31
CA PHE B 73 -1.87 24.20 -24.62
C PHE B 73 -0.70 23.75 -25.45
N GLU B 74 0.51 23.83 -24.89
CA GLU B 74 1.66 23.39 -25.64
C GLU B 74 1.61 24.02 -27.05
N GLU B 75 1.31 25.32 -27.07
CA GLU B 75 1.47 26.09 -28.30
C GLU B 75 0.39 25.80 -29.32
N LYS B 76 -0.40 24.75 -29.06
CA LYS B 76 -1.53 24.41 -29.94
C LYS B 76 -2.88 24.78 -29.31
N ILE B 77 -3.95 24.69 -30.10
CA ILE B 77 -5.31 24.69 -29.57
C ILE B 77 -5.94 23.29 -29.73
N ILE B 78 -6.36 22.71 -28.60
CA ILE B 78 -6.90 21.36 -28.66
C ILE B 78 -8.27 21.25 -28.04
N GLY B 79 -9.27 20.94 -28.86
CA GLY B 79 -10.66 20.94 -28.42
C GLY B 79 -11.34 19.58 -28.55
N LYS B 80 -12.24 19.31 -27.63
CA LYS B 80 -13.21 18.22 -27.78
C LYS B 80 -14.55 18.86 -28.09
N VAL B 81 -15.10 18.55 -29.25
CA VAL B 81 -16.47 18.91 -29.63
C VAL B 81 -17.42 17.76 -29.34
N GLU B 82 -18.48 18.05 -28.58
CA GLU B 82 -19.40 17.01 -28.12
C GLU B 82 -20.88 17.33 -28.33
N LYS B 83 -21.61 16.41 -28.95
CA LYS B 83 -23.01 16.66 -29.31
C LYS B 83 -23.92 16.49 -28.12
N VAL B 84 -24.92 17.36 -28.02
CA VAL B 84 -25.91 17.27 -26.95
C VAL B 84 -26.98 16.27 -27.37
N ASP B 85 -27.60 15.61 -26.39
CA ASP B 85 -28.75 14.72 -26.58
C ASP B 85 -28.32 13.31 -26.96
N CYS C 3 -32.98 8.40 9.39
CA CYS C 3 -33.72 7.53 10.35
C CYS C 3 -33.64 6.03 9.99
N ASP C 4 -34.01 5.71 8.76
CA ASP C 4 -34.20 4.32 8.35
C ASP C 4 -32.94 3.77 7.67
N SER C 5 -31.78 4.38 7.92
CA SER C 5 -30.60 4.10 7.12
C SER C 5 -29.26 3.85 7.86
N ILE C 6 -28.45 2.95 7.31
CA ILE C 6 -27.03 2.88 7.63
C ILE C 6 -26.24 3.57 6.51
N VAL C 7 -25.03 4.01 6.83
CA VAL C 7 -24.14 4.56 5.81
C VAL C 7 -23.22 3.49 5.26
N VAL C 8 -23.25 3.29 3.96
CA VAL C 8 -22.43 2.25 3.33
C VAL C 8 -21.32 2.94 2.56
N ALA C 9 -20.09 2.49 2.78
CA ALA C 9 -18.95 2.95 2.00
C ALA C 9 -18.02 1.80 1.62
N TYR C 10 -17.52 1.85 0.40
CA TYR C 10 -16.64 0.80 -0.06
C TYR C 10 -15.39 1.35 -0.76
N TYR C 11 -14.29 0.64 -0.62
CA TYR C 11 -13.12 0.90 -1.40
C TYR C 11 -13.18 0.04 -2.67
N PHE C 12 -13.26 0.68 -3.83
CA PHE C 12 -13.46 -0.06 -5.09
C PHE C 12 -12.15 -0.35 -5.84
N CYS C 13 -11.95 -1.59 -6.25
CA CYS C 13 -10.75 -1.97 -7.00
C CYS C 13 -9.56 -1.06 -6.68
N GLY C 14 -9.34 -0.82 -5.40
CA GLY C 14 -8.07 -0.26 -4.97
C GLY C 14 -7.89 1.23 -5.16
N GLU C 15 -8.86 1.89 -5.79
CA GLU C 15 -8.85 3.34 -5.80
C GLU C 15 -8.69 3.80 -4.33
N PRO C 16 -7.93 4.90 -4.15
CA PRO C 16 -7.61 5.54 -2.89
C PRO C 16 -8.82 6.06 -2.14
N ILE C 17 -9.58 6.96 -2.78
CA ILE C 17 -10.78 7.56 -2.16
C ILE C 17 -11.98 6.62 -2.27
N PRO C 18 -12.68 6.37 -1.17
CA PRO C 18 -13.84 5.47 -1.20
C PRO C 18 -15.14 6.17 -1.59
N TYR C 19 -16.17 5.38 -1.78
CA TYR C 19 -17.45 5.91 -2.19
C TYR C 19 -18.37 5.62 -1.04
N GLU C 20 -19.15 6.64 -0.66
CA GLU C 20 -20.01 6.55 0.50
C GLU C 20 -21.37 6.95 0.01
N THR C 21 -22.41 6.33 0.58
CA THR C 21 -23.80 6.66 0.27
C THR C 21 -24.73 6.11 1.35
N LEU C 22 -25.89 6.75 1.52
CA LEU C 22 -26.90 6.31 2.51
C LEU C 22 -27.78 5.23 1.95
N VAL C 23 -28.14 4.26 2.79
CA VAL C 23 -28.98 3.13 2.39
C VAL C 23 -30.07 2.88 3.42
N ARG C 24 -31.34 2.92 3.00
CA ARG C 24 -32.43 2.56 3.90
C ARG C 24 -32.51 1.05 4.15
N GLY C 25 -32.51 0.64 5.42
CA GLY C 25 -32.65 -0.78 5.73
C GLY C 25 -32.27 -1.18 7.16
N ARG C 26 -31.70 -0.21 7.89
CA ARG C 26 -31.10 -0.38 9.22
C ARG C 26 -30.10 -1.54 9.31
N ALA C 27 -30.15 -2.43 8.33
CA ALA C 27 -29.11 -3.42 8.09
C ALA C 27 -29.16 -3.65 6.59
N VAL C 28 -28.06 -4.17 6.04
CA VAL C 28 -27.95 -4.31 4.59
C VAL C 28 -27.40 -5.67 4.23
N THR C 29 -27.85 -6.20 3.10
CA THR C 29 -27.38 -7.49 2.61
C THR C 29 -26.39 -7.29 1.48
N LEU C 30 -25.56 -8.30 1.23
CA LEU C 30 -24.58 -8.22 0.14
C LEU C 30 -25.25 -7.94 -1.21
N GLY C 31 -26.49 -8.41 -1.34
CA GLY C 31 -27.23 -8.18 -2.56
C GLY C 31 -27.66 -6.72 -2.69
N GLN C 32 -28.14 -6.16 -1.60
CA GLN C 32 -28.42 -4.74 -1.57
C GLN C 32 -27.14 -3.97 -1.85
N PHE C 33 -26.03 -4.48 -1.36
CA PHE C 33 -24.79 -3.81 -1.57
C PHE C 33 -24.40 -3.92 -3.02
N LYS C 34 -24.42 -5.13 -3.57
CA LYS C 34 -23.93 -5.33 -4.93
C LYS C 34 -24.68 -4.41 -5.87
N GLU C 35 -25.92 -4.09 -5.48
CA GLU C 35 -26.76 -3.21 -6.27
C GLU C 35 -26.16 -1.82 -6.41
N LEU C 36 -25.23 -1.46 -5.53
CA LEU C 36 -24.69 -0.12 -5.53
C LEU C 36 -23.58 -0.05 -6.55
N LEU C 37 -22.98 -1.19 -6.83
CA LEU C 37 -21.80 -1.20 -7.68
C LEU C 37 -22.12 -0.78 -9.09
N THR C 38 -21.19 -0.09 -9.74
CA THR C 38 -21.49 0.61 -10.98
C THR C 38 -21.03 -0.18 -12.17
N LYS C 39 -20.02 -1.02 -11.94
CA LYS C 39 -19.37 -1.80 -12.98
C LYS C 39 -19.66 -3.30 -12.84
N LYS C 40 -19.79 -4.00 -13.97
CA LYS C 40 -20.15 -5.42 -13.95
C LYS C 40 -18.90 -6.25 -13.87
N GLY C 41 -19.07 -7.51 -13.52
CA GLY C 41 -17.92 -8.40 -13.51
C GLY C 41 -17.82 -9.26 -12.26
N SER C 42 -16.70 -9.93 -12.11
CA SER C 42 -16.49 -10.79 -10.95
C SER C 42 -15.56 -10.13 -9.91
N TYR C 43 -16.08 -9.97 -8.70
CA TYR C 43 -15.34 -9.34 -7.62
C TYR C 43 -15.41 -10.24 -6.40
N ARG C 44 -14.52 -10.01 -5.45
CA ARG C 44 -14.72 -10.58 -4.11
C ARG C 44 -15.04 -9.43 -3.17
N TYR C 45 -15.85 -9.69 -2.16
CA TYR C 45 -16.42 -8.63 -1.35
C TYR C 45 -16.03 -8.82 0.11
N TYR C 46 -15.37 -7.80 0.67
CA TYR C 46 -15.00 -7.89 2.05
C TYR C 46 -15.61 -6.76 2.83
N PHE C 47 -15.85 -6.99 4.11
CA PHE C 47 -16.44 -5.94 4.95
C PHE C 47 -15.78 -5.87 6.33
N LYS C 48 -15.43 -4.65 6.77
CA LYS C 48 -14.78 -4.45 8.07
C LYS C 48 -15.67 -5.04 9.12
N LYS C 49 -15.08 -5.62 10.14
CA LYS C 49 -15.84 -6.27 11.22
C LYS C 49 -15.00 -6.25 12.48
N VAL C 50 -15.65 -5.87 13.58
CA VAL C 50 -15.01 -5.94 14.91
C VAL C 50 -14.56 -7.38 15.22
N SER C 51 -13.41 -7.53 15.87
CA SER C 51 -12.94 -8.87 16.23
C SER C 51 -11.81 -8.90 17.24
N ASP C 52 -12.07 -9.48 18.41
CA ASP C 52 -11.04 -9.58 19.42
C ASP C 52 -10.22 -10.83 19.15
N GLU C 53 -10.33 -11.36 17.93
CA GLU C 53 -9.61 -12.56 17.54
C GLU C 53 -8.26 -12.28 16.90
N PHE C 54 -8.17 -11.18 16.16
CA PHE C 54 -6.90 -10.75 15.55
C PHE C 54 -6.28 -9.67 16.38
N ASP C 55 -5.06 -9.30 16.04
CA ASP C 55 -4.19 -8.58 16.97
C ASP C 55 -4.43 -7.07 17.01
N CYS C 56 -5.37 -6.58 16.20
CA CYS C 56 -5.64 -5.14 16.21
C CYS C 56 -7.13 -4.75 16.09
N GLY C 57 -8.03 -5.69 16.34
CA GLY C 57 -9.43 -5.36 16.58
C GLY C 57 -10.34 -5.34 15.37
N VAL C 58 -9.78 -5.59 14.18
CA VAL C 58 -10.48 -5.40 12.91
C VAL C 58 -10.21 -6.55 11.96
N VAL C 59 -11.25 -7.03 11.27
CA VAL C 59 -11.04 -7.87 10.09
C VAL C 59 -11.85 -7.41 8.87
N PHE C 60 -11.40 -7.83 7.70
CA PHE C 60 -12.25 -7.78 6.54
C PHE C 60 -12.79 -9.14 6.37
N GLU C 61 -14.09 -9.28 6.60
CA GLU C 61 -14.85 -10.51 6.32
C GLU C 61 -15.26 -10.53 4.85
N GLU C 62 -14.99 -11.63 4.17
CA GLU C 62 -15.53 -11.88 2.84
C GLU C 62 -17.00 -12.29 2.95
N VAL C 63 -17.81 -11.79 2.05
CA VAL C 63 -19.20 -12.18 2.02
C VAL C 63 -19.53 -12.65 0.63
N ARG C 64 -20.24 -13.77 0.52
CA ARG C 64 -20.39 -14.40 -0.78
C ARG C 64 -21.80 -14.30 -1.31
N GLU C 65 -22.78 -14.69 -0.51
CA GLU C 65 -24.15 -14.84 -1.03
C GLU C 65 -24.91 -13.55 -0.90
N ASP C 66 -25.89 -13.37 -1.78
CA ASP C 66 -26.57 -12.09 -1.86
C ASP C 66 -27.44 -11.85 -0.64
N GLU C 67 -27.92 -12.92 -0.02
CA GLU C 67 -28.97 -12.78 1.00
C GLU C 67 -28.38 -12.63 2.37
N ALA C 68 -27.05 -12.53 2.42
CA ALA C 68 -26.33 -12.43 3.69
C ALA C 68 -26.38 -11.04 4.32
N ILE C 69 -26.47 -10.97 5.66
CA ILE C 69 -26.42 -9.66 6.35
C ILE C 69 -24.99 -9.15 6.53
N LEU C 70 -24.71 -7.94 6.04
CA LEU C 70 -23.34 -7.42 6.10
C LEU C 70 -23.03 -6.96 7.50
N PRO C 71 -21.80 -7.15 7.93
CA PRO C 71 -21.35 -6.76 9.27
C PRO C 71 -21.35 -5.26 9.45
N VAL C 72 -21.51 -4.80 10.68
CA VAL C 72 -21.45 -3.36 10.88
C VAL C 72 -20.22 -3.01 11.66
N PHE C 73 -19.63 -1.85 11.35
CA PHE C 73 -18.41 -1.41 12.00
C PHE C 73 -18.53 0.05 12.36
N GLU C 74 -18.48 0.36 13.65
CA GLU C 74 -18.55 1.77 14.01
C GLU C 74 -19.78 2.41 13.37
N GLU C 75 -20.88 1.66 13.39
CA GLU C 75 -22.18 2.19 12.97
C GLU C 75 -22.30 2.36 11.46
N LYS C 76 -21.22 2.13 10.73
CA LYS C 76 -21.24 2.22 9.28
C LYS C 76 -21.11 0.83 8.70
N ILE C 77 -21.28 0.71 7.39
CA ILE C 77 -20.80 -0.45 6.62
C ILE C 77 -19.62 -0.12 5.72
N ILE C 78 -18.50 -0.82 5.91
CA ILE C 78 -17.29 -0.48 5.20
C ILE C 78 -16.75 -1.67 4.43
N GLY C 79 -16.70 -1.55 3.10
CA GLY C 79 -16.37 -2.69 2.28
C GLY C 79 -15.24 -2.42 1.30
N LYS C 80 -14.45 -3.44 1.04
CA LYS C 80 -13.48 -3.41 -0.03
C LYS C 80 -14.03 -4.31 -1.12
N VAL C 81 -14.21 -3.78 -2.31
CA VAL C 81 -14.54 -4.58 -3.47
C VAL C 81 -13.27 -4.83 -4.29
N GLU C 82 -13.03 -6.08 -4.64
CA GLU C 82 -11.80 -6.44 -5.32
C GLU C 82 -12.02 -7.34 -6.53
N LYS C 83 -11.43 -6.97 -7.67
CA LYS C 83 -11.61 -7.68 -8.93
C LYS C 83 -10.81 -8.93 -8.98
N VAL C 84 -11.40 -10.01 -9.48
CA VAL C 84 -10.69 -11.26 -9.67
C VAL C 84 -9.83 -11.17 -10.92
N ASP C 85 -8.58 -11.61 -10.79
CA ASP C 85 -7.59 -11.52 -11.87
C ASP C 85 -7.03 -12.90 -12.26
N CYS D 3 -20.40 -29.40 13.88
CA CYS D 3 -20.08 -29.65 12.45
C CYS D 3 -19.27 -28.51 11.85
N ASP D 4 -19.70 -28.07 10.67
CA ASP D 4 -19.23 -26.84 10.01
C ASP D 4 -17.87 -26.97 9.35
N SER D 5 -17.06 -25.93 9.48
CA SER D 5 -15.86 -25.78 8.65
C SER D 5 -14.80 -24.89 9.33
N ILE D 6 -13.61 -24.88 8.75
CA ILE D 6 -12.50 -24.08 9.29
C ILE D 6 -12.57 -22.64 8.79
N VAL D 7 -12.02 -21.73 9.58
CA VAL D 7 -11.91 -20.33 9.18
C VAL D 7 -10.50 -19.98 8.68
N VAL D 8 -10.40 -19.54 7.43
CA VAL D 8 -9.12 -19.14 6.86
C VAL D 8 -8.99 -17.61 6.84
N ALA D 9 -7.84 -17.10 7.30
CA ALA D 9 -7.55 -15.68 7.29
C ALA D 9 -6.12 -15.44 6.90
N TYR D 10 -5.88 -14.45 6.07
CA TYR D 10 -4.52 -14.15 5.66
C TYR D 10 -4.23 -12.67 5.69
N TYR D 11 -3.00 -12.32 6.02
CA TYR D 11 -2.50 -10.96 5.90
C TYR D 11 -1.87 -10.78 4.52
N PHE D 12 -2.47 -9.94 3.70
CA PHE D 12 -2.06 -9.86 2.31
C PHE D 12 -0.96 -8.81 2.11
N CYS D 13 0.16 -9.27 1.57
CA CYS D 13 1.43 -8.57 1.58
C CYS D 13 1.35 -7.12 1.99
N GLY D 14 1.80 -6.84 3.21
CA GLY D 14 2.00 -5.46 3.61
C GLY D 14 0.82 -4.90 4.38
N GLU D 15 -0.38 -5.12 3.84
CA GLU D 15 -1.58 -4.51 4.38
C GLU D 15 -1.66 -4.77 5.88
N PRO D 16 -2.46 -3.97 6.59
CA PRO D 16 -2.61 -4.10 8.04
C PRO D 16 -3.79 -4.96 8.52
N ILE D 17 -4.97 -4.76 7.92
CA ILE D 17 -6.17 -5.51 8.27
C ILE D 17 -6.22 -6.75 7.40
N PRO D 18 -6.41 -7.93 8.01
CA PRO D 18 -6.48 -9.22 7.32
C PRO D 18 -7.85 -9.55 6.72
N TYR D 19 -7.88 -10.56 5.85
CA TYR D 19 -9.12 -10.97 5.25
C TYR D 19 -9.42 -12.32 5.85
N GLU D 20 -10.67 -12.51 6.27
CA GLU D 20 -11.13 -13.76 6.87
C GLU D 20 -12.31 -14.26 6.06
N THR D 21 -12.49 -15.57 6.03
CA THR D 21 -13.59 -16.18 5.29
C THR D 21 -13.70 -17.63 5.71
N LEU D 22 -14.91 -18.18 5.64
CA LEU D 22 -15.17 -19.59 5.91
C LEU D 22 -14.85 -20.49 4.71
N VAL D 23 -14.31 -21.67 4.98
CA VAL D 23 -13.97 -22.63 3.93
C VAL D 23 -14.39 -24.03 4.35
N ARG D 24 -15.16 -24.72 3.48
CA ARG D 24 -15.61 -26.09 3.74
C ARG D 24 -14.51 -27.10 3.40
N GLY D 25 -14.24 -28.04 4.31
CA GLY D 25 -13.24 -29.06 4.02
C GLY D 25 -12.60 -29.74 5.20
N ARG D 26 -12.71 -29.13 6.38
CA ARG D 26 -12.14 -29.69 7.60
C ARG D 26 -10.62 -29.93 7.51
N ALA D 27 -10.00 -29.58 6.38
CA ALA D 27 -8.54 -29.68 6.23
C ALA D 27 -7.98 -29.08 4.94
N VAL D 28 -7.76 -27.77 4.93
CA VAL D 28 -7.46 -27.02 3.70
C VAL D 28 -6.04 -27.17 3.15
N THR D 29 -5.92 -27.13 1.83
CA THR D 29 -4.62 -27.22 1.20
C THR D 29 -4.21 -25.87 0.66
N LEU D 30 -2.92 -25.69 0.42
CA LEU D 30 -2.41 -24.44 -0.12
C LEU D 30 -3.10 -24.09 -1.43
N GLY D 31 -3.48 -25.13 -2.17
CA GLY D 31 -4.15 -24.89 -3.44
C GLY D 31 -5.54 -24.33 -3.22
N GLN D 32 -6.25 -24.94 -2.28
CA GLN D 32 -7.55 -24.44 -1.88
C GLN D 32 -7.37 -23.01 -1.41
N PHE D 33 -6.25 -22.75 -0.74
CA PHE D 33 -5.99 -21.42 -0.20
C PHE D 33 -5.71 -20.46 -1.33
N LYS D 34 -4.77 -20.82 -2.20
CA LYS D 34 -4.38 -19.97 -3.30
C LYS D 34 -5.63 -19.51 -4.01
N GLU D 35 -6.65 -20.36 -4.07
CA GLU D 35 -7.86 -20.05 -4.83
C GLU D 35 -8.62 -18.85 -4.23
N LEU D 36 -8.33 -18.54 -2.98
CA LEU D 36 -8.97 -17.41 -2.32
C LEU D 36 -8.36 -16.10 -2.77
N LEU D 37 -7.08 -16.13 -3.11
CA LEU D 37 -6.37 -14.90 -3.46
C LEU D 37 -6.99 -14.22 -4.70
N THR D 38 -7.05 -12.90 -4.66
CA THR D 38 -7.79 -12.13 -5.65
C THR D 38 -6.90 -11.65 -6.76
N LYS D 39 -5.60 -11.53 -6.49
CA LYS D 39 -4.68 -10.95 -7.43
C LYS D 39 -3.64 -11.98 -7.85
N LYS D 40 -3.19 -11.85 -9.09
CA LYS D 40 -2.30 -12.84 -9.69
C LYS D 40 -0.86 -12.44 -9.47
N GLY D 41 0.05 -13.40 -9.66
CA GLY D 41 1.47 -13.11 -9.51
C GLY D 41 2.20 -14.11 -8.64
N SER D 42 3.44 -13.79 -8.31
CA SER D 42 4.27 -14.69 -7.51
C SER D 42 4.37 -14.24 -6.06
N TYR D 43 3.94 -15.13 -5.17
CA TYR D 43 3.93 -14.88 -3.74
C TYR D 43 4.67 -15.99 -3.02
N ARG D 44 5.11 -15.74 -1.80
CA ARG D 44 5.46 -16.84 -0.88
C ARG D 44 4.36 -16.93 0.19
N TYR D 45 4.08 -18.13 0.64
CA TYR D 45 2.94 -18.32 1.52
C TYR D 45 3.42 -18.87 2.84
N TYR D 46 3.06 -18.18 3.91
CA TYR D 46 3.40 -18.65 5.24
C TYR D 46 2.13 -18.84 6.06
N PHE D 47 2.14 -19.80 6.99
CA PHE D 47 0.98 -20.08 7.85
C PHE D 47 1.36 -20.28 9.33
N LYS D 48 0.69 -19.57 10.22
CA LYS D 48 0.97 -19.64 11.64
C LYS D 48 0.88 -21.09 12.05
N LYS D 49 1.57 -21.44 13.13
CA LYS D 49 1.92 -22.83 13.40
C LYS D 49 2.48 -22.96 14.77
N VAL D 50 1.95 -23.89 15.55
CA VAL D 50 2.45 -24.12 16.89
C VAL D 50 3.85 -24.66 16.85
N SER D 51 4.47 -24.61 18.04
CA SER D 51 5.91 -24.75 18.02
C SER D 51 6.55 -25.62 19.10
N ASP D 52 7.57 -26.35 18.68
CA ASP D 52 8.36 -27.20 19.57
C ASP D 52 7.87 -27.14 21.00
N GLU D 53 6.92 -28.01 21.32
CA GLU D 53 6.23 -27.88 22.58
C GLU D 53 5.24 -26.71 22.99
N PHE D 54 5.05 -25.44 22.56
CA PHE D 54 3.91 -24.63 23.17
C PHE D 54 3.41 -23.44 22.33
N ASP D 55 3.18 -22.27 22.94
CA ASP D 55 3.20 -21.04 22.14
C ASP D 55 4.54 -20.32 22.28
N CYS D 56 5.53 -21.04 22.82
CA CYS D 56 6.89 -20.53 22.98
C CYS D 56 7.52 -19.93 21.70
N GLY D 57 7.25 -20.52 20.52
CA GLY D 57 6.29 -21.61 20.38
C GLY D 57 5.28 -21.34 19.26
N VAL D 58 5.57 -20.31 18.47
CA VAL D 58 4.74 -19.94 17.34
C VAL D 58 5.69 -19.61 16.20
N VAL D 59 5.40 -20.09 15.00
CA VAL D 59 6.19 -19.71 13.82
C VAL D 59 5.35 -19.71 12.55
N PHE D 60 5.78 -18.98 11.54
CA PHE D 60 5.09 -19.03 10.26
C PHE D 60 5.80 -19.98 9.34
N GLU D 61 5.12 -21.08 9.01
CA GLU D 61 5.69 -22.10 8.12
C GLU D 61 5.43 -21.72 6.68
N GLU D 62 6.46 -21.77 5.84
CA GLU D 62 6.24 -21.56 4.43
C GLU D 62 5.62 -22.81 3.84
N VAL D 63 4.69 -22.64 2.92
CA VAL D 63 4.12 -23.75 2.22
C VAL D 63 4.26 -23.49 0.73
N ARG D 64 4.71 -24.54 0.02
CA ARG D 64 4.92 -24.47 -1.40
C ARG D 64 3.90 -25.33 -2.12
N GLU D 65 3.82 -26.60 -1.72
CA GLU D 65 3.21 -27.61 -2.56
C GLU D 65 1.68 -27.66 -2.46
N ASP D 66 1.02 -27.16 -3.50
CA ASP D 66 -0.44 -27.21 -3.66
C ASP D 66 -1.05 -28.37 -2.89
N GLU D 67 -0.54 -29.56 -3.17
CA GLU D 67 -1.14 -30.77 -2.65
C GLU D 67 -1.09 -30.84 -1.13
N ALA D 68 -0.43 -29.87 -0.50
CA ALA D 68 -0.09 -29.95 0.93
C ALA D 68 -1.19 -29.43 1.85
N ILE D 69 -1.22 -29.94 3.07
CA ILE D 69 -2.24 -29.56 4.02
C ILE D 69 -1.71 -28.41 4.86
N LEU D 70 -2.53 -27.37 5.01
CA LEU D 70 -2.11 -26.19 5.75
C LEU D 70 -2.22 -26.43 7.24
N PRO D 71 -1.25 -25.94 8.01
CA PRO D 71 -1.25 -26.10 9.46
C PRO D 71 -2.40 -25.35 10.12
N VAL D 72 -2.89 -25.86 11.25
CA VAL D 72 -3.91 -25.14 11.99
C VAL D 72 -3.37 -24.53 13.26
N PHE D 73 -3.91 -23.37 13.61
CA PHE D 73 -3.47 -22.63 14.79
C PHE D 73 -4.72 -22.12 15.50
N GLU D 74 -4.87 -22.45 16.77
CA GLU D 74 -6.04 -21.99 17.53
C GLU D 74 -7.33 -22.22 16.73
N GLU D 75 -7.42 -23.37 16.05
CA GLU D 75 -8.65 -23.78 15.36
C GLU D 75 -8.92 -23.03 14.05
N LYS D 76 -8.09 -22.03 13.77
CA LYS D 76 -8.18 -21.26 12.52
C LYS D 76 -7.00 -21.59 11.60
N ILE D 77 -7.05 -21.09 10.37
CA ILE D 77 -5.87 -21.04 9.54
C ILE D 77 -5.45 -19.60 9.33
N ILE D 78 -4.19 -19.30 9.64
CA ILE D 78 -3.77 -17.93 9.54
C ILE D 78 -2.55 -17.78 8.69
N GLY D 79 -2.64 -17.00 7.62
CA GLY D 79 -1.57 -16.94 6.66
C GLY D 79 -1.06 -15.53 6.40
N LYS D 80 0.22 -15.44 6.10
CA LYS D 80 0.84 -14.24 5.55
C LYS D 80 1.13 -14.52 4.06
N VAL D 81 0.57 -13.70 3.17
CA VAL D 81 0.86 -13.79 1.75
C VAL D 81 1.81 -12.67 1.38
N GLU D 82 2.94 -13.00 0.75
CA GLU D 82 3.96 -12.00 0.53
C GLU D 82 4.46 -12.02 -0.90
N LYS D 83 4.51 -10.85 -1.53
CA LYS D 83 4.91 -10.75 -2.93
C LYS D 83 6.42 -10.86 -3.07
N VAL D 84 6.86 -11.63 -4.05
CA VAL D 84 8.26 -11.65 -4.43
C VAL D 84 8.55 -10.45 -5.30
N ASP D 85 9.62 -9.76 -4.94
CA ASP D 85 10.08 -8.59 -5.64
C ASP D 85 10.84 -8.94 -6.93
N ILE E 6 17.97 -29.68 6.18
CA ILE E 6 18.06 -28.77 7.38
C ILE E 6 16.87 -27.83 7.44
N VAL E 7 16.63 -27.30 8.63
CA VAL E 7 15.54 -26.36 8.82
C VAL E 7 16.09 -24.95 8.98
N VAL E 8 15.73 -24.05 8.07
CA VAL E 8 16.10 -22.65 8.22
C VAL E 8 14.93 -21.81 8.76
N ALA E 9 15.22 -20.98 9.76
CA ALA E 9 14.25 -20.02 10.28
C ALA E 9 14.93 -18.68 10.54
N TYR E 10 14.26 -17.61 10.13
CA TYR E 10 14.75 -16.26 10.39
C TYR E 10 13.75 -15.31 11.04
N TYR E 11 14.23 -14.45 11.90
CA TYR E 11 13.44 -13.34 12.39
C TYR E 11 13.63 -12.14 11.49
N PHE E 12 12.57 -11.72 10.81
CA PHE E 12 12.68 -10.69 9.79
C PHE E 12 12.39 -9.31 10.36
N CYS E 13 13.40 -8.43 10.36
CA CYS E 13 13.17 -7.02 10.70
C CYS E 13 12.48 -6.71 12.05
N GLY E 14 12.47 -7.67 12.97
CA GLY E 14 11.90 -7.40 14.27
C GLY E 14 10.59 -8.11 14.50
N GLU E 15 9.90 -8.41 13.41
CA GLU E 15 8.71 -9.22 13.48
C GLU E 15 8.92 -10.37 14.48
N PRO E 16 8.16 -10.37 15.57
CA PRO E 16 8.22 -11.38 16.63
C PRO E 16 8.13 -12.81 16.12
N ILE E 17 7.11 -13.11 15.34
CA ILE E 17 6.98 -14.48 14.88
C ILE E 17 7.94 -14.66 13.71
N PRO E 18 8.80 -15.68 13.79
CA PRO E 18 9.77 -15.95 12.73
C PRO E 18 9.20 -16.80 11.63
N TYR E 19 9.95 -16.88 10.53
CA TYR E 19 9.59 -17.68 9.38
C TYR E 19 10.48 -18.91 9.30
N GLU E 20 9.85 -20.08 9.19
CA GLU E 20 10.57 -21.35 9.14
C GLU E 20 10.22 -22.06 7.84
N THR E 21 11.20 -22.79 7.31
CA THR E 21 10.98 -23.60 6.11
C THR E 21 12.12 -24.59 5.93
N LEU E 22 11.84 -25.66 5.19
CA LEU E 22 12.86 -26.69 4.95
C LEU E 22 13.71 -26.35 3.73
N VAL E 23 15.00 -26.63 3.82
CA VAL E 23 15.91 -26.51 2.69
C VAL E 23 16.70 -27.80 2.76
N ARG E 24 16.19 -28.91 2.23
CA ARG E 24 16.68 -30.22 2.71
C ARG E 24 18.01 -30.66 2.11
N GLY E 25 18.80 -31.35 2.92
CA GLY E 25 20.10 -31.79 2.48
C GLY E 25 21.21 -31.54 3.50
N ARG E 26 22.39 -31.18 3.00
CA ARG E 26 23.56 -30.92 3.84
C ARG E 26 23.39 -29.61 4.63
N ALA E 27 24.17 -28.59 4.27
CA ALA E 27 24.09 -27.27 4.89
C ALA E 27 23.88 -26.19 3.84
N VAL E 28 23.82 -24.94 4.32
CA VAL E 28 23.31 -23.82 3.53
C VAL E 28 24.27 -22.62 3.51
N THR E 29 24.25 -21.89 2.41
CA THR E 29 25.06 -20.69 2.29
C THR E 29 24.19 -19.44 2.39
N LEU E 30 24.80 -18.32 2.74
CA LEU E 30 24.09 -17.06 2.84
C LEU E 30 23.32 -16.78 1.55
N GLY E 31 23.89 -17.22 0.44
CA GLY E 31 23.27 -16.95 -0.85
C GLY E 31 22.04 -17.79 -1.04
N GLN E 32 22.10 -19.03 -0.59
CA GLN E 32 20.93 -19.89 -0.60
C GLN E 32 19.90 -19.31 0.35
N PHE E 33 20.36 -18.75 1.46
CA PHE E 33 19.46 -18.12 2.43
C PHE E 33 18.82 -16.89 1.82
N LYS E 34 19.63 -15.97 1.32
CA LYS E 34 19.10 -14.75 0.74
C LYS E 34 17.99 -15.03 -0.26
N GLU E 35 18.07 -16.18 -0.92
CA GLU E 35 17.07 -16.58 -1.91
C GLU E 35 15.70 -16.86 -1.30
N LEU E 36 15.65 -17.03 0.02
CA LEU E 36 14.40 -17.21 0.74
C LEU E 36 13.67 -15.89 1.04
N LEU E 37 14.44 -14.82 1.15
CA LEU E 37 13.88 -13.53 1.51
C LEU E 37 12.88 -13.03 0.45
N THR E 38 11.79 -12.46 0.92
CA THR E 38 10.69 -12.11 0.04
C THR E 38 10.85 -10.70 -0.48
N LYS E 39 11.49 -9.84 0.31
CA LYS E 39 11.57 -8.43 -0.01
C LYS E 39 12.98 -8.00 -0.37
N LYS E 40 13.08 -7.03 -1.29
CA LYS E 40 14.35 -6.55 -1.81
C LYS E 40 14.92 -5.44 -0.92
N GLY E 41 16.21 -5.18 -1.05
CA GLY E 41 16.80 -4.08 -0.31
C GLY E 41 18.09 -4.48 0.38
N SER E 42 18.60 -3.59 1.21
CA SER E 42 19.84 -3.84 1.92
C SER E 42 19.63 -4.24 3.38
N TYR E 43 20.15 -5.41 3.72
CA TYR E 43 19.99 -5.94 5.06
C TYR E 43 21.36 -6.31 5.61
N ARG E 44 21.46 -6.48 6.92
CA ARG E 44 22.56 -7.25 7.50
C ARG E 44 22.06 -8.59 8.02
N TYR E 45 22.87 -9.64 7.90
CA TYR E 45 22.42 -10.99 8.17
C TYR E 45 23.20 -11.61 9.33
N TYR E 46 22.48 -12.04 10.36
CA TYR E 46 23.11 -12.62 11.56
C TYR E 46 22.52 -13.99 11.82
N PHE E 47 23.38 -14.91 12.28
CA PHE E 47 22.97 -16.30 12.48
C PHE E 47 23.44 -16.83 13.82
N LYS E 48 22.53 -17.48 14.54
CA LYS E 48 22.82 -18.01 15.87
C LYS E 48 23.94 -19.03 15.76
N LYS E 49 24.70 -19.21 16.83
CA LYS E 49 26.04 -19.81 16.73
C LYS E 49 26.59 -20.04 18.14
N VAL E 50 26.79 -21.30 18.53
CA VAL E 50 27.21 -21.58 19.90
C VAL E 50 28.62 -21.08 20.05
N SER E 51 28.98 -20.69 21.28
CA SER E 51 30.32 -20.20 21.57
C SER E 51 30.74 -20.59 22.99
N ASP E 52 32.04 -20.78 23.19
CA ASP E 52 32.59 -20.91 24.54
C ASP E 52 33.36 -19.64 24.93
N GLU E 53 33.40 -18.66 24.00
CA GLU E 53 34.11 -17.40 24.24
C GLU E 53 33.18 -16.25 24.63
N PHE E 54 31.93 -16.58 24.92
CA PHE E 54 30.94 -15.60 25.36
C PHE E 54 30.19 -16.05 26.61
N ASP E 55 29.76 -15.07 27.41
CA ASP E 55 29.24 -15.34 28.75
C ASP E 55 27.90 -16.09 28.76
N CYS E 56 26.79 -15.37 28.57
CA CYS E 56 25.46 -15.95 28.70
C CYS E 56 25.28 -17.27 27.95
N GLY E 57 25.93 -17.42 26.78
CA GLY E 57 25.96 -18.71 26.10
C GLY E 57 26.05 -18.80 24.56
N VAL E 58 25.71 -17.72 23.86
CA VAL E 58 25.52 -17.80 22.42
C VAL E 58 25.92 -16.49 21.71
N VAL E 59 26.08 -16.55 20.39
CA VAL E 59 26.19 -15.32 19.59
C VAL E 59 25.41 -15.36 18.28
N PHE E 60 25.14 -14.16 17.72
CA PHE E 60 24.65 -14.04 16.36
C PHE E 60 25.79 -13.57 15.52
N GLU E 61 26.25 -14.44 14.63
CA GLU E 61 27.35 -14.12 13.72
C GLU E 61 26.84 -13.46 12.46
N GLU E 62 27.46 -12.35 12.07
CA GLU E 62 27.11 -11.67 10.84
C GLU E 62 27.74 -12.45 9.70
N VAL E 63 27.02 -12.57 8.59
CA VAL E 63 27.53 -13.21 7.39
C VAL E 63 27.27 -12.29 6.22
N ARG E 64 28.20 -12.18 5.28
CA ARG E 64 28.11 -11.06 4.34
C ARG E 64 28.25 -11.33 2.83
N GLU E 65 29.01 -12.37 2.44
CA GLU E 65 29.17 -12.71 1.02
C GLU E 65 28.76 -14.16 0.73
N ASP E 66 27.91 -14.33 -0.29
CA ASP E 66 27.02 -15.48 -0.41
C ASP E 66 27.68 -16.84 -0.40
N GLU E 67 29.00 -16.86 -0.56
CA GLU E 67 29.75 -18.11 -0.60
C GLU E 67 29.81 -18.73 0.80
N ALA E 68 29.81 -17.87 1.83
CA ALA E 68 30.00 -18.32 3.21
C ALA E 68 28.96 -19.36 3.62
N ILE E 69 29.39 -20.39 4.34
CA ILE E 69 28.48 -21.42 4.87
C ILE E 69 27.88 -20.97 6.21
N LEU E 70 26.57 -21.15 6.37
CA LEU E 70 25.89 -20.61 7.54
C LEU E 70 26.07 -21.53 8.71
N PRO E 71 26.31 -20.95 9.89
CA PRO E 71 26.51 -21.73 11.12
C PRO E 71 25.28 -22.51 11.48
N VAL E 72 25.45 -23.60 12.20
CA VAL E 72 24.30 -24.35 12.65
C VAL E 72 24.18 -24.25 14.14
N PHE E 73 22.95 -24.16 14.62
CA PHE E 73 22.69 -24.15 16.04
C PHE E 73 21.58 -25.13 16.35
N GLU E 74 21.81 -26.03 17.30
CA GLU E 74 20.81 -27.01 17.67
C GLU E 74 20.17 -27.64 16.43
N GLU E 75 21.00 -27.99 15.46
CA GLU E 75 20.54 -28.74 14.30
C GLU E 75 19.72 -27.89 13.33
N LYS E 76 19.42 -26.65 13.71
CA LYS E 76 18.68 -25.75 12.83
C LYS E 76 19.57 -24.60 12.36
N ILE E 77 19.07 -23.82 11.41
CA ILE E 77 19.68 -22.54 11.07
C ILE E 77 18.76 -21.40 11.51
N ILE E 78 19.27 -20.49 12.33
CA ILE E 78 18.43 -19.45 12.87
C ILE E 78 19.04 -18.11 12.58
N GLY E 79 18.32 -17.29 11.85
CA GLY E 79 18.88 -16.00 11.47
C GLY E 79 18.02 -14.80 11.84
N LYS E 80 18.67 -13.68 12.11
CA LYS E 80 17.99 -12.41 12.20
C LYS E 80 18.35 -11.60 10.94
N VAL E 81 17.35 -11.21 10.19
CA VAL E 81 17.57 -10.28 9.09
C VAL E 81 17.16 -8.87 9.49
N GLU E 82 18.08 -7.92 9.34
CA GLU E 82 17.82 -6.56 9.79
C GLU E 82 18.07 -5.53 8.69
N LYS E 83 17.12 -4.63 8.48
CA LYS E 83 17.24 -3.62 7.44
C LYS E 83 18.21 -2.51 7.84
N VAL E 84 18.99 -2.02 6.88
CA VAL E 84 19.88 -0.91 7.13
C VAL E 84 19.10 0.40 7.09
N ASP E 85 19.39 1.26 8.07
CA ASP E 85 18.68 2.51 8.33
C ASP E 85 17.48 2.28 9.27
N CYS F 3 45.14 -5.73 5.79
CA CYS F 3 44.98 -7.11 5.22
C CYS F 3 44.88 -8.13 6.35
N ASP F 4 44.61 -7.65 7.56
CA ASP F 4 44.24 -8.49 8.70
C ASP F 4 43.29 -7.71 9.64
N SER F 5 42.62 -8.42 10.53
CA SER F 5 41.37 -7.94 11.12
C SER F 5 41.26 -8.12 12.64
N ILE F 6 40.12 -7.69 13.20
CA ILE F 6 39.78 -7.88 14.61
C ILE F 6 38.31 -8.28 14.77
N VAL F 7 38.00 -9.08 15.79
CA VAL F 7 36.62 -9.50 16.05
C VAL F 7 35.86 -8.49 16.90
N VAL F 8 34.86 -7.84 16.31
CA VAL F 8 34.01 -6.90 17.03
C VAL F 8 32.67 -7.54 17.39
N ALA F 9 32.25 -7.35 18.64
CA ALA F 9 30.96 -7.85 19.12
C ALA F 9 30.33 -6.83 20.04
N TYR F 10 29.04 -6.60 19.86
CA TYR F 10 28.34 -5.67 20.72
C TYR F 10 27.05 -6.24 21.28
N TYR F 11 26.73 -5.86 22.50
CA TYR F 11 25.41 -6.08 23.05
C TYR F 11 24.53 -4.87 22.72
N PHE F 12 23.45 -5.10 21.97
CA PHE F 12 22.67 -3.98 21.46
C PHE F 12 21.41 -3.69 22.23
N CYS F 13 21.22 -2.42 22.57
CA CYS F 13 20.01 -1.93 23.24
C CYS F 13 19.50 -2.82 24.35
N GLY F 14 20.32 -3.75 24.82
CA GLY F 14 19.94 -4.56 25.95
C GLY F 14 19.39 -5.93 25.59
N GLU F 15 19.51 -6.31 24.32
CA GLU F 15 19.19 -7.69 23.92
C GLU F 15 20.22 -8.67 24.51
N PRO F 16 19.76 -9.84 24.95
CA PRO F 16 20.62 -10.87 25.54
C PRO F 16 21.77 -11.36 24.65
N ILE F 17 21.45 -11.83 23.45
CA ILE F 17 22.46 -12.39 22.58
C ILE F 17 23.14 -11.27 21.80
N PRO F 18 24.47 -11.22 21.83
CA PRO F 18 25.19 -10.17 21.11
C PRO F 18 25.42 -10.45 19.62
N TYR F 19 25.86 -9.44 18.91
CA TYR F 19 26.18 -9.60 17.51
C TYR F 19 27.70 -9.56 17.37
N GLU F 20 28.24 -10.55 16.68
CA GLU F 20 29.68 -10.58 16.42
C GLU F 20 29.97 -10.59 14.92
N THR F 21 31.07 -9.97 14.53
CA THR F 21 31.48 -9.88 13.12
C THR F 21 32.96 -9.51 12.98
N LEU F 22 33.59 -9.97 11.90
CA LEU F 22 35.00 -9.68 11.64
C LEU F 22 35.16 -8.30 11.01
N VAL F 23 36.18 -7.57 11.44
CA VAL F 23 36.50 -6.26 10.91
C VAL F 23 37.97 -6.14 10.63
N ARG F 24 38.32 -5.74 9.42
CA ARG F 24 39.72 -5.62 9.04
C ARG F 24 40.27 -4.22 9.31
N GLY F 25 41.27 -4.16 10.19
CA GLY F 25 41.92 -2.89 10.50
C GLY F 25 43.00 -3.06 11.57
N ARG F 26 42.89 -4.17 12.31
CA ARG F 26 43.72 -4.42 13.49
C ARG F 26 43.80 -3.21 14.41
N ALA F 27 42.82 -2.32 14.26
CA ALA F 27 42.67 -1.14 15.11
C ALA F 27 41.42 -0.39 14.67
N VAL F 28 40.32 -0.64 15.36
CA VAL F 28 39.02 -0.10 14.95
C VAL F 28 38.65 1.16 15.71
N THR F 29 37.99 2.07 15.01
CA THR F 29 37.55 3.32 15.61
C THR F 29 36.04 3.29 15.85
N LEU F 30 35.57 4.15 16.74
CA LEU F 30 34.14 4.23 17.04
C LEU F 30 33.38 4.47 15.75
N GLY F 31 33.96 5.24 14.86
CA GLY F 31 33.29 5.53 13.61
C GLY F 31 33.17 4.28 12.80
N GLN F 32 34.24 3.49 12.75
CA GLN F 32 34.20 2.23 12.03
C GLN F 32 33.17 1.35 12.72
N PHE F 33 33.12 1.42 14.04
CA PHE F 33 32.15 0.63 14.78
C PHE F 33 30.75 1.08 14.45
N LYS F 34 30.49 2.38 14.59
CA LYS F 34 29.15 2.90 14.36
C LYS F 34 28.61 2.45 13.00
N GLU F 35 29.52 2.25 12.04
CA GLU F 35 29.14 1.81 10.69
C GLU F 35 28.51 0.42 10.69
N LEU F 36 28.77 -0.36 11.74
CA LEU F 36 28.19 -1.69 11.84
C LEU F 36 26.72 -1.66 12.31
N LEU F 37 26.35 -0.60 13.01
CA LEU F 37 25.04 -0.54 13.63
C LEU F 37 23.99 -0.45 12.57
N THR F 38 22.89 -1.20 12.77
CA THR F 38 21.83 -1.36 11.77
C THR F 38 20.75 -0.27 11.86
N LYS F 39 20.52 0.25 13.05
CA LYS F 39 19.42 1.18 13.28
C LYS F 39 19.93 2.58 13.61
N LYS F 40 19.15 3.58 13.24
CA LYS F 40 19.57 4.97 13.39
C LYS F 40 19.10 5.51 14.72
N GLY F 41 19.68 6.62 15.15
CA GLY F 41 19.26 7.26 16.39
C GLY F 41 20.41 7.65 17.29
N SER F 42 20.09 8.03 18.53
CA SER F 42 21.09 8.44 19.50
C SER F 42 21.38 7.33 20.51
N TYR F 43 22.64 6.90 20.56
CA TYR F 43 23.06 5.89 21.52
C TYR F 43 24.26 6.40 22.31
N ARG F 44 24.60 5.71 23.38
CA ARG F 44 25.91 5.88 23.97
C ARG F 44 26.65 4.58 23.77
N TYR F 45 27.97 4.69 23.67
CA TYR F 45 28.81 3.58 23.27
C TYR F 45 29.84 3.23 24.33
N TYR F 46 29.81 2.00 24.82
CA TYR F 46 30.72 1.57 25.88
C TYR F 46 31.44 0.34 25.40
N PHE F 47 32.73 0.23 25.75
CA PHE F 47 33.52 -0.90 25.29
C PHE F 47 34.34 -1.45 26.45
N LYS F 48 34.34 -2.78 26.58
CA LYS F 48 35.05 -3.49 27.64
C LYS F 48 36.53 -3.14 27.60
N LYS F 49 37.17 -3.22 28.76
CA LYS F 49 38.52 -2.74 28.92
C LYS F 49 39.08 -3.31 30.21
N VAL F 50 40.35 -3.71 30.18
CA VAL F 50 41.05 -4.08 31.40
C VAL F 50 41.46 -2.80 32.13
N SER F 51 41.15 -2.73 33.42
CA SER F 51 41.60 -1.62 34.25
C SER F 51 42.08 -2.11 35.59
N ASP F 52 43.34 -1.82 35.91
CA ASP F 52 43.93 -2.19 37.19
C ASP F 52 43.47 -1.26 38.31
N GLU F 53 42.44 -0.46 38.03
CA GLU F 53 41.91 0.50 39.01
C GLU F 53 40.54 0.07 39.58
N PHE F 54 40.17 -1.19 39.37
CA PHE F 54 38.93 -1.75 39.91
C PHE F 54 39.03 -3.22 40.28
N ASP F 55 38.48 -3.57 41.43
CA ASP F 55 38.66 -4.90 42.06
C ASP F 55 38.03 -6.07 41.29
N CYS F 56 37.07 -5.77 40.43
CA CYS F 56 36.48 -6.77 39.54
C CYS F 56 37.36 -6.95 38.31
N GLY F 57 38.16 -5.92 38.02
CA GLY F 57 39.22 -6.01 37.03
C GLY F 57 38.94 -5.42 35.65
N VAL F 58 37.78 -4.79 35.49
CA VAL F 58 37.24 -4.49 34.17
C VAL F 58 36.54 -3.17 34.21
N VAL F 59 36.38 -2.53 33.05
CA VAL F 59 35.37 -1.47 32.88
C VAL F 59 34.69 -1.55 31.53
N PHE F 60 33.60 -0.80 31.39
CA PHE F 60 33.10 -0.42 30.08
C PHE F 60 33.37 1.04 29.92
N GLU F 61 34.27 1.37 28.99
CA GLU F 61 34.66 2.75 28.69
C GLU F 61 33.70 3.33 27.67
N GLU F 62 33.19 4.52 27.94
CA GLU F 62 32.38 5.25 26.98
C GLU F 62 33.26 5.89 25.93
N VAL F 63 32.83 5.82 24.68
CA VAL F 63 33.57 6.42 23.60
C VAL F 63 32.64 7.31 22.79
N ARG F 64 33.10 8.54 22.55
CA ARG F 64 32.30 9.58 21.95
C ARG F 64 32.88 10.00 20.60
N GLU F 65 34.08 10.60 20.65
CA GLU F 65 34.83 11.01 19.45
C GLU F 65 34.76 9.87 18.44
N ASP F 66 34.55 10.21 17.19
CA ASP F 66 34.43 9.19 16.14
C ASP F 66 35.78 8.57 15.80
N GLU F 67 36.82 9.44 15.80
CA GLU F 67 38.14 9.07 15.31
C GLU F 67 38.92 8.25 16.34
N ALA F 68 38.36 8.17 17.54
CA ALA F 68 39.05 7.52 18.66
C ALA F 68 39.17 6.03 18.46
N ILE F 69 40.23 5.46 19.02
CA ILE F 69 40.54 4.06 18.83
C ILE F 69 39.84 3.31 19.93
N LEU F 70 39.14 2.24 19.57
CA LEU F 70 38.42 1.46 20.57
C LEU F 70 39.34 0.53 21.31
N PRO F 71 39.16 0.43 22.62
CA PRO F 71 39.99 -0.45 23.44
C PRO F 71 39.84 -1.89 23.02
N VAL F 72 40.82 -2.72 23.33
CA VAL F 72 40.65 -4.14 23.08
C VAL F 72 40.69 -4.93 24.38
N PHE F 73 39.96 -6.03 24.39
CA PHE F 73 39.84 -6.83 25.59
C PHE F 73 39.96 -8.28 25.16
N GLU F 74 40.93 -9.00 25.71
CA GLU F 74 41.09 -10.41 25.34
C GLU F 74 41.07 -10.58 23.82
N GLU F 75 41.76 -9.67 23.13
CA GLU F 75 42.01 -9.82 21.70
C GLU F 75 40.79 -9.51 20.86
N LYS F 76 39.65 -9.31 21.51
CA LYS F 76 38.41 -8.89 20.83
C LYS F 76 38.03 -7.45 21.14
N ILE F 77 37.03 -6.93 20.42
CA ILE F 77 36.40 -5.68 20.79
C ILE F 77 34.97 -5.94 21.22
N ILE F 78 34.66 -5.59 22.46
CA ILE F 78 33.36 -5.89 23.03
C ILE F 78 32.65 -4.61 23.48
N GLY F 79 31.48 -4.33 22.87
CA GLY F 79 30.78 -3.10 23.15
C GLY F 79 29.35 -3.30 23.62
N LYS F 80 28.86 -2.37 24.41
CA LYS F 80 27.44 -2.29 24.74
C LYS F 80 26.95 -1.05 24.06
N VAL F 81 25.92 -1.21 23.25
CA VAL F 81 25.29 -0.04 22.63
C VAL F 81 23.98 0.23 23.36
N GLU F 82 23.74 1.48 23.76
CA GLU F 82 22.58 1.75 24.57
C GLU F 82 21.87 3.01 24.13
N LYS F 83 20.56 2.92 23.92
CA LYS F 83 19.76 4.05 23.46
C LYS F 83 19.54 5.10 24.55
N VAL F 84 19.53 6.36 24.15
CA VAL F 84 19.19 7.43 25.05
C VAL F 84 17.66 7.51 25.06
N ASP F 85 17.06 7.60 26.25
CA ASP F 85 15.58 7.61 26.33
C ASP F 85 14.91 9.00 26.31
#